data_6IF2
#
_entry.id   6IF2
#
_cell.length_a   188.213
_cell.length_b   188.213
_cell.length_c   37.185
_cell.angle_alpha   90.000
_cell.angle_beta   90.000
_cell.angle_gamma   120.000
#
_symmetry.space_group_name_H-M   'P 65'
#
loop_
_entity.id
_entity.type
_entity.pdbx_description
1 polymer 'Ras-related protein Rab-35'
2 polymer Iporin
3 non-polymer 'MAGNESIUM ION'
4 non-polymer "GUANOSINE-5'-TRIPHOSPHATE"
5 water water
#
loop_
_entity_poly.entity_id
_entity_poly.type
_entity_poly.pdbx_seq_one_letter_code
_entity_poly.pdbx_strand_id
1 'polypeptide(L)'
;GPGSEFMARDYDHLFKLLIIGDSGVGKSSLLLRFADNTFSGSYITTIGVDFKIRTVEINGEKVKLQIWDTAGLERFRTIT
STYYRGTHGVIVVYDVTSAESFVNVKRWLHEINQNCDDVCRILVGNKNDDPERKVVETEDAYKFAGQMGIQLFETSAKEN
VNVEEMFNCITELVLRAKKDNLAKQQ
;
B
2 'polypeptide(L)'
;GPGSEFSEAISIDLLQKKGLVKAVNIAVDLIVAHFGTSRDPGVKAKLGNSSVSPNVGHLVLKYLCPAVRAVLEDGLKAFV
LDVIIGQRKNMPWSVVEASTQLGPSTKVLHGLYNKVSQFPELTSHTMRFNAFILGLLNIRSLEFWFNHLYNHEDIIQTHY
QPWGFLSAAHTVCPGLFEELLLLLQPLALLPFSLDLLFQHRLLQS
;
A
#
loop_
_chem_comp.id
_chem_comp.type
_chem_comp.name
_chem_comp.formula
GTP non-polymer GUANOSINE-5'-TRIPHOSPHATE 'C10 H16 N5 O14 P3'
MG non-polymer 'MAGNESIUM ION' 'Mg 2'
#
# COMPACT_ATOMS: atom_id res chain seq x y z
N MET A 7 21.62 -1.49 -8.61
CA MET A 7 21.81 -1.56 -10.05
C MET A 7 20.67 -0.88 -10.85
N ALA A 8 19.76 -0.24 -10.12
CA ALA A 8 18.69 0.59 -10.71
C ALA A 8 17.67 -0.16 -11.57
N ARG A 9 17.58 -1.48 -11.41
CA ARG A 9 16.60 -2.27 -12.15
C ARG A 9 15.27 -2.31 -11.41
N ASP A 10 14.26 -2.90 -12.05
CA ASP A 10 12.96 -3.06 -11.44
C ASP A 10 13.04 -4.11 -10.34
N TYR A 11 12.39 -3.83 -9.20
CA TYR A 11 12.44 -4.75 -8.05
C TYR A 11 12.07 -6.19 -8.47
N ASP A 12 12.70 -7.15 -7.81
CA ASP A 12 12.39 -8.58 -7.97
C ASP A 12 11.24 -8.99 -7.05
N HIS A 13 11.11 -8.32 -5.91
CA HIS A 13 10.07 -8.66 -4.96
C HIS A 13 9.51 -7.42 -4.29
N LEU A 14 8.22 -7.45 -4.03
CA LEU A 14 7.55 -6.40 -3.29
C LEU A 14 6.90 -7.02 -2.07
N PHE A 15 7.22 -6.52 -0.88
CA PHE A 15 6.59 -6.98 0.36
C PHE A 15 6.01 -5.84 1.17
N LYS A 16 4.97 -6.14 1.93
CA LYS A 16 4.43 -5.18 2.89
C LYS A 16 4.78 -5.65 4.29
N LEU A 17 5.38 -4.74 5.06
CA LEU A 17 5.73 -5.01 6.45
C LEU A 17 4.95 -4.07 7.32
N LEU A 18 4.56 -4.59 8.47
CA LEU A 18 3.74 -3.86 9.42
C LEU A 18 4.48 -3.78 10.76
N ILE A 19 4.55 -2.58 11.34
CA ILE A 19 5.14 -2.43 12.66
C ILE A 19 4.06 -2.15 13.69
N ILE A 20 3.96 -3.02 14.69
CA ILE A 20 2.97 -2.85 15.74
C ILE A 20 3.61 -2.92 17.14
N GLY A 21 2.85 -2.52 18.14
CA GLY A 21 3.32 -2.52 19.52
C GLY A 21 2.87 -1.28 20.27
N ASP A 22 3.09 -1.27 21.58
CA ASP A 22 2.60 -0.20 22.46
C ASP A 22 3.08 1.18 22.03
N SER A 23 2.28 2.18 22.34
CA SER A 23 2.66 3.57 22.17
C SER A 23 3.97 3.90 22.91
N GLY A 24 4.88 4.59 22.23
CA GLY A 24 6.09 5.15 22.86
C GLY A 24 7.28 4.21 22.78
N VAL A 25 7.05 3.08 22.16
CA VAL A 25 7.98 1.99 22.24
C VAL A 25 9.13 2.19 21.22
N GLY A 26 8.88 3.06 20.23
CA GLY A 26 9.91 3.42 19.28
C GLY A 26 9.68 2.91 17.87
N LYS A 27 8.43 2.53 17.58
CA LYS A 27 8.04 2.03 16.27
C LYS A 27 8.44 3.00 15.16
N SER A 28 8.01 4.26 15.29
CA SER A 28 8.35 5.25 14.28
C SER A 28 9.87 5.50 14.21
N SER A 29 10.51 5.57 15.37
CA SER A 29 11.94 5.78 15.42
C SER A 29 12.73 4.68 14.72
N LEU A 30 12.30 3.42 14.85
CA LEU A 30 12.97 2.34 14.14
C LEU A 30 12.88 2.56 12.64
N LEU A 31 11.68 2.87 12.16
CA LEU A 31 11.43 3.07 10.73
C LEU A 31 12.18 4.29 10.21
N LEU A 32 12.11 5.39 10.96
CA LEU A 32 12.80 6.61 10.58
C LEU A 32 14.30 6.40 10.49
N ARG A 33 14.86 5.57 11.36
CA ARG A 33 16.29 5.37 11.24
C ARG A 33 16.65 4.42 10.12
N PHE A 34 15.83 3.40 9.91
CA PHE A 34 16.10 2.48 8.83
C PHE A 34 15.96 3.18 7.47
N ALA A 35 14.95 4.03 7.35
CA ALA A 35 14.60 4.63 6.07
C ALA A 35 15.33 5.91 5.75
N ASP A 36 15.47 6.80 6.74
CA ASP A 36 16.08 8.11 6.52
C ASP A 36 17.39 8.30 7.26
N ASN A 37 17.81 7.25 7.99
CA ASN A 37 18.95 7.32 8.91
C ASN A 37 18.91 8.55 9.82
N THR A 38 17.73 8.86 10.35
CA THR A 38 17.60 9.96 11.29
C THR A 38 17.08 9.46 12.65
N PHE A 39 17.36 10.24 13.69
CA PHE A 39 16.74 9.99 14.99
C PHE A 39 16.47 11.33 15.66
N SER A 40 15.32 11.43 16.30
CA SER A 40 15.01 12.63 17.06
C SER A 40 14.50 12.28 18.45
N GLY A 41 14.89 13.08 19.43
CA GLY A 41 14.39 12.90 20.78
C GLY A 41 12.91 13.25 20.85
N SER A 42 12.44 14.03 19.88
CA SER A 42 11.05 14.47 19.85
C SER A 42 10.08 13.31 19.77
N TYR A 43 8.95 13.46 20.43
CA TYR A 43 7.91 12.44 20.40
C TYR A 43 6.63 12.97 19.77
N ILE A 44 6.40 12.58 18.53
CA ILE A 44 5.17 12.88 17.81
C ILE A 44 4.38 11.62 17.63
N THR A 45 3.26 11.50 18.35
CA THR A 45 2.50 10.25 18.34
C THR A 45 1.86 10.01 16.96
N THR A 46 1.93 8.77 16.50
CA THR A 46 1.49 8.45 15.14
C THR A 46 -0.03 8.40 15.11
N ILE A 47 -0.62 9.08 14.13
CA ILE A 47 -2.07 9.11 14.01
C ILE A 47 -2.51 8.25 12.82
N GLY A 48 -3.17 7.14 13.12
CA GLY A 48 -3.56 6.15 12.13
C GLY A 48 -2.35 5.33 11.66
N VAL A 49 -1.94 5.56 10.42
CA VAL A 49 -0.76 4.90 9.89
C VAL A 49 0.14 5.88 9.17
N ASP A 50 1.44 5.73 9.35
CA ASP A 50 2.36 6.35 8.41
C ASP A 50 3.12 5.25 7.72
N PHE A 51 3.99 5.61 6.78
CA PHE A 51 4.69 4.56 6.04
C PHE A 51 5.93 5.07 5.35
N LYS A 52 6.73 4.12 4.91
CA LYS A 52 7.97 4.43 4.23
C LYS A 52 8.20 3.35 3.19
N ILE A 53 8.67 3.74 2.01
CA ILE A 53 8.94 2.78 0.95
C ILE A 53 10.43 2.76 0.64
N ARG A 54 11.08 1.63 0.93
CA ARG A 54 12.52 1.50 0.67
C ARG A 54 12.84 0.21 -0.09
N THR A 55 13.94 0.24 -0.83
CA THR A 55 14.42 -0.93 -1.55
C THR A 55 15.79 -1.41 -1.05
N VAL A 56 15.88 -2.68 -0.68
CA VAL A 56 17.13 -3.26 -0.20
C VAL A 56 17.65 -4.36 -1.14
N GLU A 57 18.94 -4.66 -1.06
CA GLU A 57 19.51 -5.74 -1.85
C GLU A 57 19.79 -6.92 -0.93
N ILE A 58 19.29 -8.09 -1.28
CA ILE A 58 19.47 -9.28 -0.46
C ILE A 58 19.77 -10.50 -1.30
N ASN A 59 21.00 -10.98 -1.17
CA ASN A 59 21.53 -12.06 -2.00
C ASN A 59 21.17 -11.76 -3.47
N GLY A 60 21.77 -10.69 -3.98
CA GLY A 60 21.60 -10.29 -5.37
C GLY A 60 20.21 -9.89 -5.83
N GLU A 61 19.19 -10.14 -5.00
CA GLU A 61 17.81 -9.80 -5.37
C GLU A 61 17.41 -8.42 -4.88
N LYS A 62 16.75 -7.67 -5.75
CA LYS A 62 16.27 -6.33 -5.40
C LYS A 62 14.88 -6.41 -4.76
N VAL A 63 14.79 -6.02 -3.50
CA VAL A 63 13.53 -6.17 -2.76
C VAL A 63 12.93 -4.84 -2.29
N LYS A 64 11.71 -4.57 -2.74
CA LYS A 64 11.00 -3.35 -2.40
C LYS A 64 10.12 -3.57 -1.18
N LEU A 65 10.28 -2.71 -0.18
CA LEU A 65 9.56 -2.85 1.09
C LEU A 65 8.63 -1.68 1.33
N GLN A 66 7.37 -2.00 1.46
CA GLN A 66 6.36 -1.02 1.80
C GLN A 66 6.06 -1.20 3.28
N ILE A 67 6.62 -0.31 4.10
CA ILE A 67 6.61 -0.51 5.54
C ILE A 67 5.61 0.39 6.24
N TRP A 68 4.64 -0.23 6.92
CA TRP A 68 3.58 0.52 7.60
C TRP A 68 3.87 0.68 9.09
N ASP A 69 3.71 1.90 9.57
CA ASP A 69 4.01 2.23 10.95
C ASP A 69 2.71 2.64 11.63
N THR A 70 2.22 1.80 12.53
CA THR A 70 0.89 1.97 13.11
C THR A 70 0.88 2.83 14.37
N ALA A 71 -0.32 3.31 14.72
CA ALA A 71 -0.51 4.04 15.97
C ALA A 71 -0.50 3.09 17.18
N GLY A 72 0.23 3.47 18.22
CA GLY A 72 0.25 2.71 19.45
C GLY A 72 -0.95 3.02 20.34
N LEU A 73 -1.43 4.26 20.30
CA LEU A 73 -2.56 4.70 21.12
C LEU A 73 -3.88 4.26 20.51
N GLU A 74 -4.73 3.62 21.31
CA GLU A 74 -5.95 3.01 20.79
C GLU A 74 -6.89 4.03 20.14
N ARG A 75 -6.89 5.27 20.62
CA ARG A 75 -7.78 6.31 20.08
C ARG A 75 -7.27 6.87 18.74
N PHE A 76 -6.03 6.54 18.37
CA PHE A 76 -5.52 6.95 17.08
C PHE A 76 -5.36 5.76 16.14
N ARG A 77 -5.84 4.60 16.57
CA ARG A 77 -5.77 3.42 15.72
C ARG A 77 -6.93 3.47 14.73
N THR A 78 -6.62 3.34 13.45
CA THR A 78 -7.69 3.27 12.45
C THR A 78 -8.13 1.79 12.32
N ILE A 79 -9.06 1.50 11.42
CA ILE A 79 -9.58 0.13 11.26
C ILE A 79 -8.49 -0.93 11.06
N THR A 80 -8.43 -1.87 12.00
CA THR A 80 -7.40 -2.93 12.05
C THR A 80 -7.30 -3.74 10.76
N SER A 81 -8.46 -4.05 10.17
CA SER A 81 -8.54 -4.77 8.89
C SER A 81 -7.65 -4.15 7.82
N THR A 82 -7.57 -2.82 7.81
CA THR A 82 -6.82 -2.04 6.82
C THR A 82 -5.29 -2.04 7.02
N TYR A 83 -4.83 -1.88 8.26
CA TYR A 83 -3.44 -2.21 8.62
C TYR A 83 -2.97 -3.47 7.93
N TYR A 84 -3.75 -4.54 8.09
CA TYR A 84 -3.25 -5.90 7.92
C TYR A 84 -3.40 -6.45 6.52
N ARG A 85 -4.36 -5.94 5.77
CA ARG A 85 -4.57 -6.45 4.40
C ARG A 85 -3.28 -6.49 3.56
N GLY A 86 -2.94 -7.69 3.08
CA GLY A 86 -1.83 -7.86 2.17
C GLY A 86 -0.47 -7.91 2.84
N THR A 87 -0.46 -7.95 4.17
CA THR A 87 0.79 -7.90 4.93
C THR A 87 1.58 -9.21 4.83
N HIS A 88 2.89 -9.12 4.58
CA HIS A 88 3.75 -10.31 4.53
C HIS A 88 4.52 -10.60 5.83
N GLY A 89 4.84 -9.54 6.56
CA GLY A 89 5.66 -9.66 7.74
C GLY A 89 5.27 -8.61 8.76
N VAL A 90 5.24 -9.00 10.02
CA VAL A 90 4.88 -8.11 11.11
C VAL A 90 6.05 -7.99 12.08
N ILE A 91 6.41 -6.75 12.39
CA ILE A 91 7.44 -6.44 13.37
C ILE A 91 6.77 -6.01 14.67
N VAL A 92 6.96 -6.80 15.71
CA VAL A 92 6.33 -6.57 17.01
C VAL A 92 7.35 -5.97 17.98
N VAL A 93 7.08 -4.74 18.42
CA VAL A 93 8.07 -3.99 19.17
C VAL A 93 7.66 -3.72 20.60
N TYR A 94 8.58 -4.01 21.53
CA TYR A 94 8.44 -3.55 22.90
C TYR A 94 9.68 -2.74 23.28
N ASP A 95 9.61 -2.13 24.45
CA ASP A 95 10.67 -1.26 24.97
C ASP A 95 11.35 -1.99 26.16
N VAL A 96 12.62 -2.37 26.01
CA VAL A 96 13.33 -3.18 27.03
C VAL A 96 13.39 -2.50 28.41
N THR A 97 12.88 -1.28 28.42
CA THR A 97 12.89 -0.39 29.57
C THR A 97 11.52 -0.35 30.23
N SER A 98 10.54 -0.98 29.57
CA SER A 98 9.16 -0.96 30.03
C SER A 98 8.62 -2.37 30.16
N ALA A 99 8.43 -2.81 31.40
CA ALA A 99 7.91 -4.14 31.66
C ALA A 99 6.52 -4.27 31.06
N GLU A 100 5.74 -3.20 31.16
CA GLU A 100 4.39 -3.18 30.64
C GLU A 100 4.35 -3.36 29.13
N SER A 101 5.29 -2.75 28.41
CA SER A 101 5.29 -2.90 26.95
C SER A 101 5.56 -4.35 26.58
N PHE A 102 6.33 -5.03 27.42
CA PHE A 102 6.65 -6.42 27.14
C PHE A 102 5.46 -7.35 27.39
N VAL A 103 4.70 -7.10 28.46
CA VAL A 103 3.60 -8.00 28.81
C VAL A 103 2.45 -7.88 27.79
N ASN A 104 2.44 -6.79 27.03
CA ASN A 104 1.41 -6.62 26.02
C ASN A 104 1.76 -7.29 24.69
N VAL A 105 2.97 -7.82 24.57
CA VAL A 105 3.41 -8.43 23.33
C VAL A 105 2.46 -9.57 22.96
N LYS A 106 2.00 -10.35 23.94
CA LYS A 106 1.10 -11.45 23.62
C LYS A 106 -0.22 -10.98 22.99
N ARG A 107 -0.78 -9.86 23.43
CA ARG A 107 -1.99 -9.34 22.82
C ARG A 107 -1.72 -8.91 21.36
N TRP A 108 -0.57 -8.30 21.10
CA TRP A 108 -0.20 -7.98 19.71
C TRP A 108 -0.05 -9.24 18.84
N LEU A 109 0.58 -10.27 19.39
CA LEU A 109 0.69 -11.55 18.69
C LEU A 109 -0.70 -12.10 18.38
N HIS A 110 -1.60 -11.99 19.34
CA HIS A 110 -2.98 -12.44 19.17
C HIS A 110 -3.70 -11.62 18.08
N GLU A 111 -3.43 -10.33 18.05
CA GLU A 111 -4.03 -9.47 17.03
C GLU A 111 -3.59 -9.93 15.62
N ILE A 112 -2.32 -10.33 15.49
CA ILE A 112 -1.82 -10.87 14.24
C ILE A 112 -2.63 -12.10 13.82
N ASN A 113 -2.81 -13.04 14.74
CA ASN A 113 -3.59 -14.25 14.48
C ASN A 113 -5.03 -13.96 14.09
N GLN A 114 -5.61 -12.94 14.71
N GLN A 114 -5.62 -12.94 14.68
CA GLN A 114 -6.97 -12.50 14.41
CA GLN A 114 -7.00 -12.60 14.37
C GLN A 114 -7.12 -12.06 12.96
C GLN A 114 -7.16 -11.90 13.02
N ASN A 115 -6.04 -11.49 12.41
CA ASN A 115 -6.09 -10.80 11.12
C ASN A 115 -5.27 -11.40 9.98
N CYS A 116 -4.40 -12.35 10.28
CA CYS A 116 -3.56 -12.95 9.24
C CYS A 116 -3.57 -14.46 9.28
N ASP A 117 -3.60 -15.04 8.07
CA ASP A 117 -3.50 -16.48 7.92
C ASP A 117 -2.05 -16.91 8.02
N ASP A 118 -1.24 -16.39 7.11
CA ASP A 118 0.12 -16.87 6.89
C ASP A 118 1.04 -15.65 6.82
N VAL A 119 1.73 -15.35 7.92
CA VAL A 119 2.55 -14.15 7.95
C VAL A 119 3.87 -14.41 8.72
N CYS A 120 4.96 -13.80 8.28
CA CYS A 120 6.20 -13.88 9.05
C CYS A 120 6.13 -12.88 10.21
N ARG A 121 6.75 -13.22 11.33
CA ARG A 121 6.81 -12.32 12.48
C ARG A 121 8.23 -12.21 13.01
N ILE A 122 8.50 -11.12 13.70
CA ILE A 122 9.77 -10.93 14.39
C ILE A 122 9.52 -10.06 15.63
N LEU A 123 10.26 -10.31 16.69
CA LEU A 123 10.04 -9.62 17.96
C LEU A 123 11.21 -8.68 18.22
N VAL A 124 10.92 -7.42 18.54
CA VAL A 124 11.98 -6.45 18.70
C VAL A 124 11.93 -5.75 20.04
N GLY A 125 13.04 -5.83 20.77
CA GLY A 125 13.18 -5.11 22.02
C GLY A 125 13.98 -3.84 21.81
N ASN A 126 13.29 -2.71 21.74
CA ASN A 126 13.96 -1.46 21.37
C ASN A 126 14.42 -0.68 22.60
N LYS A 127 15.22 0.36 22.39
CA LYS A 127 15.72 1.27 23.45
C LYS A 127 16.75 0.56 24.35
N ASN A 128 17.46 -0.39 23.76
CA ASN A 128 18.56 -1.05 24.44
C ASN A 128 19.78 -0.13 24.53
N ASP A 129 19.64 1.04 25.18
CA ASP A 129 20.62 2.16 25.16
C ASP A 129 21.17 2.45 26.53
N ASP A 130 20.46 1.94 27.53
CA ASP A 130 20.63 2.39 28.92
C ASP A 130 20.59 1.18 29.82
N PRO A 131 21.73 0.49 29.95
CA PRO A 131 21.80 -0.74 30.76
C PRO A 131 21.21 -0.58 32.15
N GLU A 132 21.37 0.60 32.75
CA GLU A 132 20.90 0.80 34.11
C GLU A 132 19.36 0.69 34.19
N ARG A 133 18.67 1.14 33.17
CA ARG A 133 17.20 1.14 33.23
C ARG A 133 16.56 0.00 32.45
N LYS A 134 17.36 -0.93 31.96
CA LYS A 134 16.82 -2.11 31.27
C LYS A 134 16.09 -3.04 32.25
N VAL A 135 14.84 -3.38 31.98
CA VAL A 135 14.12 -4.26 32.91
C VAL A 135 13.72 -5.60 32.30
N VAL A 136 13.69 -5.67 30.97
CA VAL A 136 13.39 -6.92 30.29
C VAL A 136 14.70 -7.57 29.87
N GLU A 137 15.11 -8.59 30.61
CA GLU A 137 16.40 -9.25 30.40
C GLU A 137 16.40 -10.08 29.13
N THR A 138 17.51 -10.01 28.40
CA THR A 138 17.68 -10.76 27.16
C THR A 138 17.23 -12.22 27.27
N GLU A 139 17.67 -12.90 28.33
CA GLU A 139 17.39 -14.34 28.45
C GLU A 139 15.91 -14.65 28.62
N ASP A 140 15.16 -13.76 29.27
CA ASP A 140 13.73 -13.97 29.41
C ASP A 140 13.02 -13.70 28.08
N ALA A 141 13.42 -12.63 27.40
CA ALA A 141 12.81 -12.27 26.13
C ALA A 141 13.13 -13.34 25.07
N TYR A 142 14.36 -13.82 25.09
CA TYR A 142 14.83 -14.86 24.17
C TYR A 142 14.03 -16.14 24.38
N LYS A 143 13.90 -16.55 25.64
CA LYS A 143 13.12 -17.73 26.00
C LYS A 143 11.65 -17.59 25.58
N PHE A 144 11.09 -16.40 25.77
CA PHE A 144 9.72 -16.17 25.32
C PHE A 144 9.65 -16.24 23.79
N ALA A 145 10.59 -15.59 23.11
CA ALA A 145 10.60 -15.61 21.64
C ALA A 145 10.59 -17.06 21.15
N GLY A 146 11.46 -17.89 21.74
CA GLY A 146 11.55 -19.29 21.40
C GLY A 146 10.23 -20.03 21.56
N GLN A 147 9.50 -19.73 22.63
CA GLN A 147 8.22 -20.37 22.86
C GLN A 147 7.19 -20.02 21.80
N MET A 148 7.31 -18.82 21.24
CA MET A 148 6.40 -18.36 20.19
C MET A 148 6.90 -18.68 18.79
N GLY A 149 8.04 -19.34 18.69
CA GLY A 149 8.65 -19.67 17.41
C GLY A 149 9.09 -18.47 16.57
N ILE A 150 9.39 -17.35 17.21
CA ILE A 150 9.87 -16.18 16.48
C ILE A 150 11.26 -15.76 16.95
N GLN A 151 11.96 -15.01 16.12
CA GLN A 151 13.28 -14.52 16.48
C GLN A 151 13.21 -13.20 17.23
N LEU A 152 14.21 -12.96 18.07
CA LEU A 152 14.28 -11.74 18.85
C LEU A 152 15.44 -10.86 18.39
N PHE A 153 15.19 -9.56 18.30
CA PHE A 153 16.27 -8.61 18.09
C PHE A 153 16.14 -7.51 19.14
N GLU A 154 17.22 -7.27 19.87
CA GLU A 154 17.23 -6.10 20.73
C GLU A 154 17.89 -4.97 19.96
N THR A 155 17.24 -3.82 19.93
CA THR A 155 17.69 -2.72 19.09
C THR A 155 17.83 -1.41 19.86
N SER A 156 18.56 -0.50 19.25
CA SER A 156 18.50 0.90 19.61
C SER A 156 18.35 1.76 18.36
N ALA A 157 17.20 2.38 18.20
CA ALA A 157 17.02 3.38 17.16
C ALA A 157 17.85 4.60 17.51
N LYS A 158 17.96 4.88 18.81
CA LYS A 158 18.75 6.01 19.27
C LYS A 158 20.20 5.96 18.80
N GLU A 159 20.89 4.83 18.96
CA GLU A 159 22.28 4.80 18.54
C GLU A 159 22.50 3.92 17.30
N ASN A 160 21.42 3.57 16.62
CA ASN A 160 21.47 2.80 15.37
C ASN A 160 22.19 1.45 15.50
N VAL A 161 21.72 0.64 16.42
CA VAL A 161 22.31 -0.66 16.66
C VAL A 161 21.28 -1.75 16.40
N ASN A 162 21.64 -2.66 15.49
CA ASN A 162 20.81 -3.82 15.15
C ASN A 162 19.51 -3.51 14.39
N VAL A 163 19.34 -2.25 13.99
CA VAL A 163 18.16 -1.84 13.26
C VAL A 163 18.17 -2.41 11.83
N GLU A 164 19.27 -2.19 11.10
CA GLU A 164 19.42 -2.75 9.76
C GLU A 164 19.32 -4.27 9.82
N GLU A 165 20.02 -4.86 10.79
CA GLU A 165 20.04 -6.31 10.95
C GLU A 165 18.61 -6.84 11.14
N MET A 166 17.84 -6.13 11.95
CA MET A 166 16.47 -6.53 12.24
C MET A 166 15.62 -6.52 10.96
N PHE A 167 15.60 -5.38 10.26
CA PHE A 167 14.82 -5.29 9.01
C PHE A 167 15.30 -6.32 7.98
N ASN A 168 16.61 -6.59 7.97
CA ASN A 168 17.13 -7.61 7.06
C ASN A 168 16.56 -8.97 7.39
N CYS A 169 16.54 -9.30 8.69
CA CYS A 169 16.01 -10.59 9.13
C CYS A 169 14.57 -10.81 8.65
N ILE A 170 13.68 -9.88 8.98
CA ILE A 170 12.27 -10.07 8.63
C ILE A 170 12.12 -10.06 7.10
N THR A 171 13.01 -9.35 6.39
CA THR A 171 12.95 -9.35 4.93
C THR A 171 13.36 -10.72 4.40
N GLU A 172 14.36 -11.33 5.05
CA GLU A 172 14.79 -12.68 4.69
C GLU A 172 13.68 -13.70 4.95
N LEU A 173 13.02 -13.57 6.09
CA LEU A 173 11.97 -14.53 6.48
C LEU A 173 10.85 -14.54 5.46
N VAL A 174 10.47 -13.34 5.07
CA VAL A 174 9.37 -13.10 4.16
C VAL A 174 9.71 -13.58 2.72
N LEU A 175 10.98 -13.46 2.38
CA LEU A 175 11.50 -13.92 1.12
C LEU A 175 11.51 -15.46 1.07
N ARG A 176 11.85 -16.09 2.20
CA ARG A 176 11.90 -17.55 2.30
C ARG A 176 10.50 -18.15 2.34
N ALA A 177 9.56 -17.48 3.01
CA ALA A 177 8.17 -17.94 3.00
C ALA A 177 7.60 -17.91 1.58
N LYS A 178 7.99 -16.89 0.81
CA LYS A 178 7.56 -16.77 -0.57
C LYS A 178 8.12 -17.89 -1.44
N LYS A 179 9.40 -18.19 -1.29
CA LYS A 179 10.01 -19.25 -2.09
C LYS A 179 9.40 -20.59 -1.72
N ASP A 180 9.07 -20.77 -0.44
CA ASP A 180 8.50 -22.03 0.04
C ASP A 180 7.07 -22.25 -0.46
N ASN A 181 6.26 -21.20 -0.50
CA ASN A 181 4.89 -21.34 -0.99
C ASN A 181 4.86 -21.68 -2.47
N LEU A 182 5.86 -21.22 -3.21
CA LEU A 182 5.95 -21.49 -4.64
C LEU A 182 6.21 -22.96 -4.92
N ALA A 183 7.05 -23.59 -4.11
CA ALA A 183 7.31 -25.03 -4.23
C ALA A 183 6.02 -25.83 -3.99
N LYS A 184 5.34 -25.53 -2.89
CA LYS A 184 4.08 -26.17 -2.54
C LYS A 184 2.92 -25.70 -3.44
N GLU B 8 -6.46 -24.29 -25.71
CA GLU B 8 -7.14 -23.17 -25.07
C GLU B 8 -6.17 -22.09 -24.54
N ALA B 9 -4.99 -21.98 -25.15
CA ALA B 9 -3.90 -21.19 -24.58
C ALA B 9 -3.89 -19.70 -24.97
N ILE B 10 -3.91 -18.84 -23.95
CA ILE B 10 -3.76 -17.39 -24.12
C ILE B 10 -2.29 -16.99 -24.20
N SER B 11 -1.92 -16.24 -25.21
CA SER B 11 -0.54 -15.82 -25.38
C SER B 11 -0.31 -14.51 -24.59
N ILE B 12 0.67 -14.53 -23.68
CA ILE B 12 0.95 -13.37 -22.79
C ILE B 12 2.45 -13.16 -22.66
N ASP B 13 2.92 -11.92 -22.83
CA ASP B 13 4.28 -11.59 -22.40
C ASP B 13 4.23 -10.98 -21.01
N LEU B 14 4.74 -11.71 -20.04
CA LEU B 14 4.66 -11.28 -18.65
C LEU B 14 5.37 -9.96 -18.44
N LEU B 15 6.42 -9.74 -19.22
CA LEU B 15 7.17 -8.48 -19.13
C LEU B 15 6.32 -7.30 -19.60
N GLN B 16 5.50 -7.51 -20.63
CA GLN B 16 4.58 -6.49 -21.11
C GLN B 16 3.56 -6.16 -20.02
N LYS B 17 3.01 -7.19 -19.38
CA LYS B 17 2.08 -6.97 -18.27
C LYS B 17 2.79 -6.29 -17.08
N LYS B 18 3.98 -6.76 -16.73
CA LYS B 18 4.79 -6.10 -15.71
C LYS B 18 5.01 -4.62 -16.03
N GLY B 19 5.15 -4.30 -17.32
CA GLY B 19 5.34 -2.93 -17.76
C GLY B 19 4.23 -2.01 -17.29
N LEU B 20 2.99 -2.50 -17.38
CA LEU B 20 1.81 -1.76 -16.93
C LEU B 20 1.89 -1.42 -15.44
N VAL B 21 2.29 -2.41 -14.65
CA VAL B 21 2.35 -2.24 -13.21
C VAL B 21 3.52 -1.32 -12.86
N LYS B 22 4.60 -1.44 -13.61
CA LYS B 22 5.80 -0.66 -13.35
C LYS B 22 5.51 0.84 -13.46
N ALA B 23 4.70 1.21 -14.44
CA ALA B 23 4.36 2.61 -14.61
C ALA B 23 3.54 3.14 -13.41
N VAL B 24 2.72 2.27 -12.81
CA VAL B 24 1.93 2.66 -11.64
C VAL B 24 2.87 2.82 -10.43
N ASN B 25 3.76 1.84 -10.27
CA ASN B 25 4.82 1.90 -9.27
C ASN B 25 5.58 3.21 -9.30
N ILE B 26 6.02 3.60 -10.50
CA ILE B 26 6.77 4.82 -10.66
C ILE B 26 5.94 6.03 -10.22
N ALA B 27 4.67 6.05 -10.62
CA ALA B 27 3.77 7.14 -10.25
C ALA B 27 3.53 7.21 -8.73
N VAL B 28 3.26 6.06 -8.10
CA VAL B 28 3.08 6.04 -6.66
C VAL B 28 4.34 6.56 -5.94
N ASP B 29 5.51 6.15 -6.42
CA ASP B 29 6.78 6.62 -5.84
C ASP B 29 6.93 8.13 -5.93
N LEU B 30 6.65 8.70 -7.09
CA LEU B 30 6.78 10.14 -7.27
C LEU B 30 5.81 10.87 -6.35
N ILE B 31 4.58 10.36 -6.25
CA ILE B 31 3.56 10.99 -5.43
C ILE B 31 3.95 10.90 -3.95
N VAL B 32 4.45 9.74 -3.53
CA VAL B 32 4.93 9.58 -2.17
C VAL B 32 6.14 10.50 -1.89
N ALA B 33 7.11 10.54 -2.81
CA ALA B 33 8.25 11.45 -2.65
C ALA B 33 7.77 12.91 -2.46
N HIS B 34 6.72 13.30 -3.18
CA HIS B 34 6.19 14.66 -3.08
C HIS B 34 5.67 14.99 -1.69
N PHE B 35 5.06 14.02 -1.02
CA PHE B 35 4.53 14.26 0.32
C PHE B 35 5.64 14.41 1.37
N GLY B 36 6.88 14.19 0.96
CA GLY B 36 8.05 14.50 1.78
C GLY B 36 8.13 13.72 3.06
N THR B 37 8.95 14.19 3.99
CA THR B 37 9.21 13.46 5.22
C THR B 37 8.80 14.26 6.45
N SER B 38 8.07 15.34 6.21
CA SER B 38 7.54 16.10 7.33
C SER B 38 6.61 15.19 8.15
N ARG B 39 6.60 15.40 9.46
CA ARG B 39 5.74 14.60 10.32
C ARG B 39 4.57 15.46 10.83
N ASP B 40 4.58 16.72 10.41
CA ASP B 40 3.49 17.67 10.60
C ASP B 40 2.32 17.37 9.63
N PRO B 41 1.16 16.99 10.18
CA PRO B 41 -0.01 16.62 9.37
C PRO B 41 -0.54 17.83 8.60
N GLY B 42 -0.35 19.02 9.15
CA GLY B 42 -0.78 20.24 8.51
C GLY B 42 -0.01 20.49 7.23
N VAL B 43 1.28 20.20 7.28
CA VAL B 43 2.13 20.28 6.10
C VAL B 43 1.72 19.22 5.08
N LYS B 44 1.39 18.03 5.57
CA LYS B 44 1.00 16.96 4.67
C LYS B 44 -0.29 17.29 3.94
N ALA B 45 -1.25 17.89 4.65
CA ALA B 45 -2.50 18.28 4.03
C ALA B 45 -2.29 19.35 2.97
N LYS B 46 -1.36 20.27 3.25
CA LYS B 46 -1.05 21.31 2.27
C LYS B 46 -0.45 20.68 1.02
N LEU B 47 0.52 19.80 1.21
CA LEU B 47 1.17 19.13 0.09
C LEU B 47 0.17 18.28 -0.70
N GLY B 48 -0.93 17.90 -0.04
CA GLY B 48 -1.95 17.06 -0.66
C GLY B 48 -3.06 17.86 -1.30
N ASN B 49 -3.04 19.17 -1.11
CA ASN B 49 -4.09 20.05 -1.64
C ASN B 49 -3.64 20.62 -2.99
N SER B 50 -4.40 20.36 -4.04
CA SER B 50 -3.97 20.77 -5.38
C SER B 50 -4.00 22.30 -5.60
N SER B 51 -4.74 23.02 -4.78
CA SER B 51 -4.74 24.49 -4.85
C SER B 51 -3.52 25.07 -4.16
N VAL B 52 -3.15 24.50 -3.03
CA VAL B 52 -1.94 24.90 -2.33
C VAL B 52 -0.68 24.36 -3.02
N SER B 53 -0.72 23.08 -3.43
CA SER B 53 0.41 22.46 -4.13
C SER B 53 -0.02 21.90 -5.47
N PRO B 54 0.09 22.72 -6.53
CA PRO B 54 -0.35 22.28 -7.87
C PRO B 54 0.38 21.01 -8.27
N ASN B 55 1.56 20.83 -7.69
CA ASN B 55 2.40 19.72 -8.04
C ASN B 55 1.77 18.34 -7.75
N VAL B 56 1.00 18.21 -6.66
CA VAL B 56 0.36 16.93 -6.43
C VAL B 56 -0.63 16.66 -7.57
N GLY B 57 -1.32 17.71 -8.04
CA GLY B 57 -2.20 17.58 -9.19
C GLY B 57 -1.46 17.20 -10.48
N HIS B 58 -0.30 17.80 -10.70
CA HIS B 58 0.51 17.48 -11.87
C HIS B 58 1.01 16.03 -11.84
N LEU B 59 1.45 15.58 -10.68
CA LEU B 59 1.93 14.21 -10.55
C LEU B 59 0.83 13.19 -10.86
N VAL B 60 -0.35 13.41 -10.29
CA VAL B 60 -1.47 12.53 -10.52
C VAL B 60 -1.90 12.55 -11.98
N LEU B 61 -1.93 13.75 -12.56
CA LEU B 61 -2.37 13.93 -13.94
C LEU B 61 -1.41 13.36 -14.99
N LYS B 62 -0.11 13.54 -14.77
CA LYS B 62 0.82 13.17 -15.81
C LYS B 62 1.44 11.79 -15.58
N TYR B 63 1.46 11.33 -14.33
CA TYR B 63 1.99 10.00 -14.07
C TYR B 63 0.91 8.96 -13.75
N LEU B 64 0.16 9.18 -12.68
CA LEU B 64 -0.78 8.16 -12.21
C LEU B 64 -1.94 7.92 -13.19
N CYS B 65 -2.58 8.99 -13.67
CA CYS B 65 -3.72 8.83 -14.58
C CYS B 65 -3.34 8.06 -15.85
N PRO B 66 -2.21 8.41 -16.51
CA PRO B 66 -1.91 7.59 -17.71
C PRO B 66 -1.51 6.15 -17.36
N ALA B 67 -0.85 5.92 -16.22
CA ALA B 67 -0.48 4.55 -15.87
C ALA B 67 -1.74 3.71 -15.60
N VAL B 68 -2.71 4.33 -14.94
CA VAL B 68 -3.97 3.66 -14.65
C VAL B 68 -4.82 3.47 -15.90
N ARG B 69 -4.88 4.50 -16.75
CA ARG B 69 -5.58 4.37 -18.02
C ARG B 69 -4.97 3.24 -18.87
N ALA B 70 -3.65 3.09 -18.85
CA ALA B 70 -2.99 2.06 -19.66
C ALA B 70 -3.39 0.67 -19.17
N VAL B 71 -3.55 0.52 -17.86
CA VAL B 71 -4.05 -0.74 -17.32
C VAL B 71 -5.46 -0.99 -17.84
N LEU B 72 -6.30 0.03 -17.81
CA LEU B 72 -7.67 -0.11 -18.24
C LEU B 72 -7.78 -0.30 -19.75
N GLU B 73 -6.74 0.09 -20.48
CA GLU B 73 -6.76 -0.03 -21.94
C GLU B 73 -6.23 -1.37 -22.41
N ASP B 74 -5.47 -2.07 -21.56
CA ASP B 74 -4.81 -3.29 -22.00
C ASP B 74 -5.86 -4.38 -22.34
N GLY B 75 -5.89 -4.77 -23.62
CA GLY B 75 -6.84 -5.76 -24.08
C GLY B 75 -8.28 -5.30 -23.98
N LEU B 76 -8.47 -3.99 -23.92
CA LEU B 76 -9.80 -3.43 -23.92
C LEU B 76 -10.42 -3.56 -25.32
N LYS B 77 -11.60 -4.15 -25.40
CA LYS B 77 -12.32 -4.26 -26.68
C LYS B 77 -12.62 -2.88 -27.25
N ALA B 78 -12.49 -2.74 -28.57
CA ALA B 78 -12.76 -1.47 -29.22
C ALA B 78 -14.24 -1.11 -29.11
N PHE B 79 -15.10 -2.11 -29.22
CA PHE B 79 -16.55 -1.94 -29.10
C PHE B 79 -17.14 -3.02 -28.22
N VAL B 80 -18.30 -2.73 -27.64
CA VAL B 80 -19.08 -3.78 -27.00
C VAL B 80 -20.48 -3.63 -27.54
N LEU B 81 -21.21 -4.75 -27.59
CA LEU B 81 -22.59 -4.71 -28.05
C LEU B 81 -23.53 -4.74 -26.85
N ASP B 82 -24.11 -3.58 -26.53
CA ASP B 82 -24.99 -3.41 -25.39
C ASP B 82 -26.39 -3.99 -25.66
N VAL B 83 -26.92 -4.69 -24.67
CA VAL B 83 -28.22 -5.34 -24.81
C VAL B 83 -29.33 -4.32 -25.03
N ILE B 84 -29.22 -3.16 -24.37
CA ILE B 84 -30.25 -2.11 -24.45
C ILE B 84 -29.95 -1.06 -25.53
N ILE B 85 -28.73 -0.56 -25.54
CA ILE B 85 -28.33 0.58 -26.39
C ILE B 85 -27.91 0.20 -27.82
N GLY B 86 -27.43 -1.02 -28.00
CA GLY B 86 -26.84 -1.40 -29.27
C GLY B 86 -25.33 -1.24 -29.19
N GLN B 87 -24.69 -1.02 -30.33
CA GLN B 87 -23.24 -1.02 -30.34
C GLN B 87 -22.67 0.30 -29.80
N ARG B 88 -21.63 0.18 -28.97
CA ARG B 88 -21.01 1.32 -28.30
C ARG B 88 -19.50 1.31 -28.46
N LYS B 89 -18.91 2.49 -28.74
CA LYS B 89 -17.46 2.65 -28.61
C LYS B 89 -17.13 2.36 -27.17
N ASN B 90 -16.09 1.57 -26.95
CA ASN B 90 -15.73 1.11 -25.61
C ASN B 90 -14.44 1.80 -25.16
N MET B 91 -14.52 2.49 -24.03
CA MET B 91 -13.38 3.24 -23.52
C MET B 91 -13.24 3.01 -22.03
N PRO B 92 -12.06 3.35 -21.46
CA PRO B 92 -11.90 3.25 -20.01
C PRO B 92 -13.09 3.84 -19.25
N TRP B 93 -13.62 4.95 -19.75
CA TRP B 93 -14.80 5.56 -19.13
C TRP B 93 -16.03 4.63 -19.15
N SER B 94 -16.15 3.78 -20.17
CA SER B 94 -17.24 2.80 -20.22
C SER B 94 -17.10 1.81 -19.07
N VAL B 95 -15.86 1.43 -18.77
CA VAL B 95 -15.60 0.47 -17.71
C VAL B 95 -15.91 1.11 -16.38
N VAL B 96 -15.63 2.41 -16.27
CA VAL B 96 -15.93 3.16 -15.06
C VAL B 96 -17.44 3.19 -14.83
N GLU B 97 -18.20 3.57 -15.85
CA GLU B 97 -19.67 3.51 -15.77
C GLU B 97 -20.17 2.13 -15.31
N ALA B 98 -19.65 1.08 -15.93
CA ALA B 98 -20.06 -0.28 -15.60
C ALA B 98 -19.78 -0.62 -14.13
N SER B 99 -18.65 -0.14 -13.61
CA SER B 99 -18.17 -0.58 -12.31
C SER B 99 -18.46 0.40 -11.18
N THR B 100 -19.32 1.37 -11.44
CA THR B 100 -19.72 2.34 -10.40
C THR B 100 -21.23 2.43 -10.30
N GLN B 101 -21.91 1.32 -10.56
CA GLN B 101 -23.36 1.33 -10.46
C GLN B 101 -23.80 1.21 -9.00
N LEU B 102 -24.93 1.84 -8.70
CA LEU B 102 -25.41 1.94 -7.32
C LEU B 102 -25.83 0.60 -6.75
N GLY B 103 -25.43 0.38 -5.51
CA GLY B 103 -25.77 -0.82 -4.77
C GLY B 103 -25.30 -0.58 -3.35
N PRO B 104 -25.54 -1.55 -2.45
CA PRO B 104 -24.94 -1.45 -1.12
C PRO B 104 -23.43 -1.29 -1.24
N SER B 105 -22.85 -0.50 -0.35
CA SER B 105 -21.39 -0.31 -0.28
C SER B 105 -20.77 0.39 -1.47
N THR B 106 -21.55 1.12 -2.25
CA THR B 106 -20.95 1.74 -3.43
C THR B 106 -21.65 3.07 -3.78
N LYS B 107 -22.36 3.64 -2.79
CA LYS B 107 -23.09 4.89 -2.95
C LYS B 107 -22.14 6.04 -3.30
N VAL B 108 -21.02 6.12 -2.58
CA VAL B 108 -20.07 7.20 -2.79
C VAL B 108 -19.45 7.10 -4.17
N LEU B 109 -19.03 5.89 -4.50
CA LEU B 109 -18.46 5.55 -5.80
C LEU B 109 -19.39 5.96 -6.95
N HIS B 110 -20.68 5.71 -6.77
CA HIS B 110 -21.68 6.08 -7.78
C HIS B 110 -21.88 7.60 -7.82
N GLY B 111 -21.90 8.21 -6.65
CA GLY B 111 -22.01 9.66 -6.55
C GLY B 111 -20.89 10.34 -7.30
N LEU B 112 -19.67 9.79 -7.16
CA LEU B 112 -18.50 10.36 -7.82
C LEU B 112 -18.62 10.24 -9.34
N TYR B 113 -19.03 9.07 -9.83
CA TYR B 113 -19.31 8.91 -11.25
C TYR B 113 -20.28 9.97 -11.72
N ASN B 114 -21.40 10.10 -11.00
CA ASN B 114 -22.41 11.07 -11.37
C ASN B 114 -21.87 12.49 -11.41
N LYS B 115 -21.11 12.89 -10.40
CA LYS B 115 -20.67 14.28 -10.36
C LYS B 115 -19.62 14.59 -11.45
N VAL B 116 -18.74 13.64 -11.79
CA VAL B 116 -17.78 13.90 -12.86
C VAL B 116 -18.51 13.87 -14.21
N SER B 117 -19.54 13.03 -14.32
CA SER B 117 -20.34 12.99 -15.54
C SER B 117 -21.02 14.32 -15.83
N GLN B 118 -21.40 15.06 -14.79
CA GLN B 118 -22.21 16.25 -14.98
C GLN B 118 -21.40 17.52 -15.27
N PHE B 119 -20.10 17.51 -15.02
CA PHE B 119 -19.26 18.68 -15.27
C PHE B 119 -19.28 19.09 -16.74
N PRO B 120 -19.83 20.28 -17.04
CA PRO B 120 -19.79 20.75 -18.43
C PRO B 120 -18.40 21.21 -18.83
N GLU B 121 -17.50 21.38 -17.87
CA GLU B 121 -16.13 21.79 -18.17
C GLU B 121 -15.28 20.68 -18.77
N LEU B 122 -15.71 19.42 -18.66
CA LEU B 122 -14.81 18.32 -19.00
C LEU B 122 -14.70 17.98 -20.49
N THR B 123 -15.80 17.92 -21.22
CA THR B 123 -15.75 17.87 -22.71
C THR B 123 -15.02 16.68 -23.37
N SER B 124 -14.71 15.63 -22.61
CA SER B 124 -14.01 14.48 -23.18
C SER B 124 -14.06 13.32 -22.20
N HIS B 125 -14.17 12.11 -22.74
CA HIS B 125 -14.21 10.90 -21.90
C HIS B 125 -12.88 10.61 -21.21
N THR B 126 -11.78 11.04 -21.81
CA THR B 126 -10.48 10.88 -21.16
C THR B 126 -10.38 11.85 -19.98
N MET B 127 -10.91 13.06 -20.17
CA MET B 127 -10.92 14.04 -19.09
C MET B 127 -11.83 13.59 -17.96
N ARG B 128 -12.97 12.99 -18.31
CA ARG B 128 -13.84 12.41 -17.28
C ARG B 128 -13.09 11.32 -16.51
N PHE B 129 -12.38 10.46 -17.23
CA PHE B 129 -11.62 9.41 -16.58
C PHE B 129 -10.61 9.98 -15.57
N ASN B 130 -9.88 11.01 -15.99
CA ASN B 130 -8.90 11.66 -15.15
C ASN B 130 -9.52 12.26 -13.90
N ALA B 131 -10.65 12.96 -14.07
CA ALA B 131 -11.35 13.54 -12.92
C ALA B 131 -11.80 12.45 -11.96
N PHE B 132 -12.23 11.32 -12.53
CA PHE B 132 -12.64 10.17 -11.74
C PHE B 132 -11.51 9.67 -10.85
N ILE B 133 -10.32 9.52 -11.43
CA ILE B 133 -9.13 9.12 -10.68
C ILE B 133 -8.79 10.13 -9.56
N LEU B 134 -8.76 11.41 -9.90
CA LEU B 134 -8.60 12.48 -8.90
C LEU B 134 -9.59 12.26 -7.76
N GLY B 135 -10.84 12.00 -8.15
CA GLY B 135 -11.92 11.71 -7.20
C GLY B 135 -11.65 10.51 -6.29
N LEU B 136 -11.20 9.41 -6.87
CA LEU B 136 -10.89 8.20 -6.13
C LEU B 136 -9.85 8.46 -5.05
N LEU B 137 -8.85 9.27 -5.39
CA LEU B 137 -7.80 9.62 -4.45
C LEU B 137 -8.36 10.41 -3.26
N ASN B 138 -9.24 11.38 -3.53
CA ASN B 138 -9.91 12.15 -2.49
C ASN B 138 -10.64 11.26 -1.50
N ILE B 139 -11.29 10.22 -2.01
CA ILE B 139 -12.09 9.36 -1.15
C ILE B 139 -11.35 8.08 -0.79
N ARG B 140 -10.02 8.06 -1.00
CA ARG B 140 -9.18 6.95 -0.57
C ARG B 140 -9.62 5.61 -1.16
N SER B 141 -10.05 5.60 -2.42
CA SER B 141 -10.71 4.45 -2.97
C SER B 141 -10.14 3.95 -4.29
N LEU B 142 -8.93 4.39 -4.66
CA LEU B 142 -8.37 4.00 -5.94
C LEU B 142 -8.17 2.49 -5.97
N GLU B 143 -7.59 1.96 -4.90
CA GLU B 143 -7.37 0.53 -4.81
C GLU B 143 -8.70 -0.22 -4.66
N PHE B 144 -9.56 0.32 -3.82
CA PHE B 144 -10.89 -0.24 -3.62
C PHE B 144 -11.61 -0.42 -4.97
N TRP B 145 -11.59 0.62 -5.79
CA TRP B 145 -12.26 0.59 -7.09
C TRP B 145 -11.65 -0.47 -8.00
N PHE B 146 -10.31 -0.49 -8.08
CA PHE B 146 -9.64 -1.52 -8.89
C PHE B 146 -10.04 -2.94 -8.50
N ASN B 147 -10.05 -3.18 -7.19
CA ASN B 147 -10.39 -4.49 -6.65
C ASN B 147 -11.85 -4.85 -6.93
N HIS B 148 -12.72 -3.86 -6.79
CA HIS B 148 -14.14 -3.97 -7.14
C HIS B 148 -14.31 -4.32 -8.61
N LEU B 149 -13.49 -3.68 -9.46
CA LEU B 149 -13.52 -3.90 -10.90
C LEU B 149 -13.10 -5.34 -11.19
N TYR B 150 -11.94 -5.74 -10.69
CA TYR B 150 -11.44 -7.10 -10.84
C TYR B 150 -12.49 -8.14 -10.46
N ASN B 151 -13.16 -7.94 -9.32
CA ASN B 151 -14.10 -8.94 -8.81
C ASN B 151 -15.44 -8.98 -9.55
N HIS B 152 -15.65 -8.04 -10.45
CA HIS B 152 -16.85 -8.07 -11.27
C HIS B 152 -16.54 -8.79 -12.59
N GLU B 153 -16.46 -10.10 -12.52
CA GLU B 153 -16.12 -10.93 -13.67
C GLU B 153 -17.01 -10.66 -14.90
N ASP B 154 -18.27 -10.31 -14.67
CA ASP B 154 -19.17 -9.93 -15.76
C ASP B 154 -18.71 -8.64 -16.47
N ILE B 155 -18.20 -7.66 -15.72
CA ILE B 155 -17.71 -6.43 -16.34
C ILE B 155 -16.46 -6.72 -17.17
N ILE B 156 -15.61 -7.57 -16.62
CA ILE B 156 -14.37 -7.97 -17.28
C ILE B 156 -14.59 -8.81 -18.54
N GLN B 157 -15.55 -9.75 -18.44
N GLN B 157 -15.54 -9.75 -18.50
CA GLN B 157 -16.02 -10.55 -19.59
CA GLN B 157 -15.83 -10.52 -19.70
C GLN B 157 -16.45 -9.61 -20.70
C GLN B 157 -16.44 -9.60 -20.76
N THR B 158 -17.27 -8.65 -20.33
CA THR B 158 -17.88 -7.70 -21.23
C THR B 158 -16.86 -6.82 -21.95
N HIS B 159 -15.91 -6.28 -21.20
CA HIS B 159 -15.09 -5.21 -21.74
C HIS B 159 -13.70 -5.65 -22.18
N TYR B 160 -13.22 -6.78 -21.68
CA TYR B 160 -11.84 -7.16 -22.01
C TYR B 160 -11.68 -8.45 -22.82
N GLN B 161 -10.67 -8.45 -23.67
CA GLN B 161 -10.23 -9.67 -24.35
C GLN B 161 -9.52 -10.54 -23.32
N PRO B 162 -9.45 -11.86 -23.57
CA PRO B 162 -8.77 -12.77 -22.63
C PRO B 162 -7.30 -12.39 -22.31
N TRP B 163 -6.60 -11.72 -23.22
CA TRP B 163 -5.18 -11.38 -23.00
C TRP B 163 -5.00 -10.02 -22.32
N GLY B 164 -6.07 -9.28 -22.14
CA GLY B 164 -6.01 -8.03 -21.39
C GLY B 164 -5.65 -8.30 -19.96
N PHE B 165 -4.83 -7.43 -19.36
CA PHE B 165 -4.34 -7.62 -18.00
C PHE B 165 -5.43 -7.92 -16.97
N LEU B 166 -6.48 -7.09 -16.97
CA LEU B 166 -7.56 -7.24 -16.00
C LEU B 166 -8.26 -8.59 -16.15
N SER B 167 -8.19 -9.18 -17.35
CA SER B 167 -8.80 -10.47 -17.61
C SER B 167 -7.82 -11.60 -17.28
N ALA B 168 -6.61 -11.47 -17.80
CA ALA B 168 -5.58 -12.51 -17.64
C ALA B 168 -5.15 -12.60 -16.16
N ALA B 169 -5.33 -11.51 -15.42
CA ALA B 169 -5.14 -11.50 -13.97
C ALA B 169 -5.85 -12.68 -13.30
N HIS B 170 -7.13 -12.89 -13.61
CA HIS B 170 -7.89 -14.00 -13.04
C HIS B 170 -7.28 -15.38 -13.33
N THR B 171 -6.74 -15.55 -14.54
CA THR B 171 -6.28 -16.85 -15.01
C THR B 171 -4.76 -17.03 -14.85
N VAL B 172 -4.01 -16.31 -15.66
CA VAL B 172 -2.58 -16.55 -15.87
C VAL B 172 -1.63 -15.86 -14.88
N CYS B 173 -1.96 -14.63 -14.47
CA CYS B 173 -1.07 -13.86 -13.59
C CYS B 173 -1.80 -13.12 -12.46
N PRO B 174 -2.41 -13.88 -11.53
CA PRO B 174 -3.11 -13.26 -10.39
C PRO B 174 -2.16 -12.55 -9.42
N GLY B 175 -0.92 -13.02 -9.35
CA GLY B 175 0.06 -12.42 -8.46
C GLY B 175 0.42 -11.00 -8.85
N LEU B 176 0.60 -10.77 -10.14
CA LEU B 176 0.96 -9.47 -10.65
C LEU B 176 -0.16 -8.46 -10.37
N PHE B 177 -1.41 -8.90 -10.48
CA PHE B 177 -2.49 -7.98 -10.15
C PHE B 177 -2.53 -7.69 -8.63
N GLU B 178 -2.17 -8.69 -7.82
CA GLU B 178 -2.01 -8.48 -6.39
C GLU B 178 -0.94 -7.43 -6.10
N GLU B 179 0.20 -7.53 -6.79
CA GLU B 179 1.23 -6.49 -6.72
C GLU B 179 0.64 -5.10 -6.98
N LEU B 180 -0.10 -4.97 -8.07
CA LEU B 180 -0.70 -3.68 -8.44
C LEU B 180 -1.55 -3.11 -7.31
N LEU B 181 -2.36 -3.95 -6.69
CA LEU B 181 -3.23 -3.52 -5.60
C LEU B 181 -2.41 -3.10 -4.41
N LEU B 182 -1.37 -3.88 -4.12
CA LEU B 182 -0.48 -3.58 -3.01
C LEU B 182 0.22 -2.21 -3.22
N LEU B 183 0.73 -1.99 -4.42
CA LEU B 183 1.37 -0.73 -4.79
C LEU B 183 0.46 0.46 -4.54
N LEU B 184 -0.84 0.26 -4.75
CA LEU B 184 -1.82 1.34 -4.65
C LEU B 184 -2.23 1.61 -3.21
N GLN B 185 -2.01 0.64 -2.34
CA GLN B 185 -2.52 0.72 -0.98
C GLN B 185 -2.14 2.00 -0.21
N PRO B 186 -0.86 2.42 -0.29
CA PRO B 186 -0.56 3.56 0.59
C PRO B 186 -1.12 4.91 0.11
N LEU B 187 -1.63 4.98 -1.11
CA LEU B 187 -2.31 6.19 -1.56
C LEU B 187 -3.52 6.49 -0.66
N ALA B 188 -4.15 5.45 -0.15
CA ALA B 188 -5.31 5.60 0.73
C ALA B 188 -4.96 6.25 2.08
N LEU B 189 -3.67 6.37 2.36
CA LEU B 189 -3.20 6.96 3.61
C LEU B 189 -2.81 8.44 3.47
N LEU B 190 -2.91 8.99 2.27
CA LEU B 190 -2.41 10.33 2.03
C LEU B 190 -3.54 11.36 1.99
N PRO B 191 -3.34 12.50 2.67
CA PRO B 191 -4.38 13.52 2.79
C PRO B 191 -4.60 14.27 1.47
N PHE B 192 -5.24 13.59 0.50
CA PHE B 192 -5.55 14.20 -0.78
C PHE B 192 -6.72 15.17 -0.69
N SER B 193 -6.55 16.33 -1.30
CA SER B 193 -7.66 17.25 -1.53
C SER B 193 -7.52 17.82 -2.92
N LEU B 194 -8.00 17.07 -3.90
CA LEU B 194 -7.78 17.43 -5.31
C LEU B 194 -9.01 17.98 -6.00
N ASP B 195 -8.84 19.12 -6.66
CA ASP B 195 -9.90 19.69 -7.48
C ASP B 195 -10.22 18.72 -8.62
N LEU B 196 -11.47 18.29 -8.73
CA LEU B 196 -11.83 17.37 -9.79
C LEU B 196 -11.65 18.03 -11.16
N LEU B 197 -11.63 19.36 -11.18
CA LEU B 197 -11.48 20.09 -12.44
C LEU B 197 -10.05 20.57 -12.62
N PHE B 198 -9.11 19.93 -11.95
CA PHE B 198 -7.73 20.36 -12.02
C PHE B 198 -7.19 20.43 -13.46
N GLN B 199 -7.44 19.38 -14.25
CA GLN B 199 -6.99 19.35 -15.64
C GLN B 199 -7.57 20.52 -16.42
N HIS B 200 -8.86 20.77 -16.23
CA HIS B 200 -9.54 21.89 -16.88
C HIS B 200 -8.88 23.24 -16.56
N ARG B 201 -8.49 23.44 -15.31
CA ARG B 201 -7.97 24.73 -14.88
C ARG B 201 -6.51 25.00 -15.30
N LEU B 202 -5.82 23.99 -15.81
CA LEU B 202 -4.44 24.18 -16.26
C LEU B 202 -4.36 25.13 -17.46
MG MG C . 4.76 6.24 16.16
PG GTP D . 3.36 5.84 18.94
O1G GTP D . 2.50 6.72 19.82
O2G GTP D . 3.36 6.45 17.55
O3G GTP D . 2.80 4.44 18.96
O3B GTP D . 4.88 5.85 19.50
PB GTP D . 6.13 5.11 18.79
O1B GTP D . 6.05 3.62 19.03
O2B GTP D . 6.23 5.42 17.31
O3A GTP D . 7.44 5.67 19.51
PA GTP D . 8.41 6.81 18.90
O1A GTP D . 9.25 6.22 17.78
O2A GTP D . 7.57 8.00 18.50
O5' GTP D . 9.38 7.16 20.12
C5' GTP D . 8.87 7.55 21.39
C4' GTP D . 9.95 8.31 22.15
O4' GTP D . 10.94 7.36 22.49
C3' GTP D . 10.64 9.41 21.35
O3' GTP D . 11.00 10.47 22.20
C2' GTP D . 11.92 8.77 20.89
O2' GTP D . 12.97 9.70 20.77
C1' GTP D . 12.19 7.78 22.01
N9 GTP D . 12.91 6.66 21.43
C8 GTP D . 12.61 5.94 20.30
N7 GTP D . 13.58 5.01 20.12
C5 GTP D . 14.47 5.13 21.13
C6 GTP D . 15.64 4.44 21.45
O6 GTP D . 16.02 3.52 20.73
N1 GTP D . 16.34 4.83 22.57
C2 GTP D . 15.91 5.87 23.38
N2 GTP D . 16.61 6.20 24.46
N3 GTP D . 14.75 6.55 23.06
C4 GTP D . 14.07 6.18 21.96
#